data_6IZ0
#
_entry.id   6IZ0
#
_cell.length_a   127.049
_cell.length_b   127.049
_cell.length_c   101.448
_cell.angle_alpha   90.000
_cell.angle_beta   90.000
_cell.angle_gamma   120.000
#
_symmetry.space_group_name_H-M   'P 63 2 2'
#
loop_
_entity.id
_entity.type
_entity.pdbx_description
1 polymer 'Trimeric intracellular cation channel type A'
2 non-polymer 'CALCIUM ION'
3 non-polymer 'CHLORIDE ION'
4 water water
#
_entity_poly.entity_id   1
_entity_poly.type   'polypeptide(L)'
_entity_poly.pdbx_seq_one_letter_code
;MELPGALQLGELAAAFASVPVFPLFDAAYFIVSVLYLKYEPGAVEMSRKSPFASWLCAMLHCFGSYILADLLLGESPIHY
FSNNSSVILATAVWYLIFFCPMNLFYKCVSFLPVKLIFVAMKEVVRVRAIAAGVHHAHHQYHHGWFIMMATGWVKGSGVA
LMSNFEQLLRGVWRPETNEILHMSFPTKASLYGTVLFTLQQTHWLPVSEANLVFFFTMFMIVCKVFMTATHSHASPFAPV
EGFISPVFFGSVSSGHTSHHNQHGHSHEASYQPPPPVKSKEELNEGTRKRKAKKAEAAAENLYFQGLEDYKDDDDKHHHH
HHHHHH
;
_entity_poly.pdbx_strand_id   A
#
loop_
_chem_comp.id
_chem_comp.type
_chem_comp.name
_chem_comp.formula
CA non-polymer 'CALCIUM ION' 'Ca 2'
CL non-polymer 'CHLORIDE ION' 'Cl -1'
#
# COMPACT_ATOMS: atom_id res chain seq x y z
N GLN A 8 -30.25 -0.71 6.65
CA GLN A 8 -29.42 0.47 6.83
C GLN A 8 -27.94 0.15 6.65
N LEU A 9 -27.67 -1.02 6.06
CA LEU A 9 -26.28 -1.43 5.85
C LEU A 9 -25.57 -0.50 4.86
N GLY A 10 -26.26 -0.13 3.78
CA GLY A 10 -25.69 0.80 2.83
C GLY A 10 -25.37 2.14 3.44
N GLU A 11 -26.11 2.54 4.48
CA GLU A 11 -25.78 3.77 5.19
C GLU A 11 -24.48 3.61 5.98
N LEU A 12 -24.28 2.43 6.59
CA LEU A 12 -23.03 2.16 7.28
C LEU A 12 -21.88 1.99 6.29
N ALA A 13 -22.13 1.31 5.17
CA ALA A 13 -21.08 1.10 4.18
C ALA A 13 -20.66 2.41 3.53
N ALA A 14 -21.57 3.36 3.39
CA ALA A 14 -21.22 4.66 2.82
C ALA A 14 -20.30 5.42 3.76
N ALA A 15 -20.59 5.41 5.07
CA ALA A 15 -19.70 6.06 6.02
C ALA A 15 -18.37 5.34 6.14
N PHE A 16 -18.35 4.01 5.93
CA PHE A 16 -17.11 3.26 5.99
C PHE A 16 -16.22 3.57 4.79
N ALA A 17 -16.80 3.61 3.60
CA ALA A 17 -16.04 3.83 2.37
C ALA A 17 -15.63 5.29 2.17
N SER A 18 -16.04 6.20 3.05
CA SER A 18 -15.74 7.62 2.91
C SER A 18 -14.99 8.17 4.11
N VAL A 19 -14.35 7.32 4.89
CA VAL A 19 -13.57 7.81 6.05
C VAL A 19 -12.33 8.53 5.53
N PRO A 20 -11.92 9.65 6.14
CA PRO A 20 -10.71 10.33 5.69
C PRO A 20 -9.45 9.51 5.98
N VAL A 21 -8.77 9.07 4.92
CA VAL A 21 -7.58 8.26 5.11
C VAL A 21 -6.44 9.10 5.67
N PHE A 22 -6.41 10.40 5.36
CA PHE A 22 -5.37 11.26 5.90
C PHE A 22 -5.87 11.93 7.19
N PRO A 23 -5.03 12.01 8.23
CA PRO A 23 -3.67 11.46 8.25
C PRO A 23 -3.53 10.14 9.01
N LEU A 24 -4.56 9.76 9.78
CA LEU A 24 -4.45 8.62 10.68
C LEU A 24 -4.28 7.32 9.90
N PHE A 25 -5.15 7.06 8.93
CA PHE A 25 -5.08 5.81 8.19
C PHE A 25 -3.84 5.75 7.29
N ASP A 26 -3.42 6.89 6.74
CA ASP A 26 -2.17 6.90 5.98
C ASP A 26 -0.96 6.71 6.89
N ALA A 27 -1.02 7.22 8.12
CA ALA A 27 0.07 6.99 9.06
C ALA A 27 0.24 5.52 9.37
N ALA A 28 -0.87 4.80 9.58
CA ALA A 28 -0.79 3.36 9.81
C ALA A 28 -0.24 2.65 8.59
N TYR A 29 -0.57 3.14 7.39
CA TYR A 29 0.01 2.59 6.17
C TYR A 29 1.52 2.80 6.15
N PHE A 30 1.97 3.99 6.54
CA PHE A 30 3.41 4.28 6.54
C PHE A 30 4.14 3.47 7.60
N ILE A 31 3.54 3.33 8.78
CA ILE A 31 4.21 2.64 9.87
C ILE A 31 4.44 1.17 9.52
N VAL A 32 3.39 0.49 9.06
CA VAL A 32 3.52 -0.93 8.71
C VAL A 32 4.49 -1.12 7.56
N SER A 33 4.50 -0.18 6.61
CA SER A 33 5.38 -0.33 5.45
C SER A 33 6.84 -0.09 5.83
N VAL A 34 7.11 0.93 6.64
CA VAL A 34 8.49 1.18 7.05
C VAL A 34 8.96 0.12 8.05
N LEU A 35 8.04 -0.42 8.85
CA LEU A 35 8.40 -1.54 9.72
C LEU A 35 8.88 -2.74 8.90
N TYR A 36 8.20 -3.03 7.79
CA TYR A 36 8.65 -4.10 6.92
C TYR A 36 10.00 -3.77 6.29
N LEU A 37 10.25 -2.49 6.02
CA LEU A 37 11.55 -2.08 5.50
C LEU A 37 12.65 -2.36 6.51
N LYS A 38 12.40 -2.06 7.79
CA LYS A 38 13.42 -2.30 8.82
C LYS A 38 13.68 -3.79 9.01
N TYR A 39 12.69 -4.64 8.71
CA TYR A 39 12.90 -6.08 8.79
C TYR A 39 13.80 -6.61 7.70
N GLU A 40 13.98 -5.85 6.62
CA GLU A 40 14.79 -6.32 5.50
C GLU A 40 16.27 -6.36 5.87
N PRO A 41 17.03 -7.24 5.24
CA PRO A 41 18.45 -7.37 5.60
C PRO A 41 19.23 -6.10 5.29
N GLY A 42 20.10 -5.71 6.22
CA GLY A 42 20.96 -4.56 6.04
C GLY A 42 20.26 -3.22 6.08
N ALA A 43 18.98 -3.18 6.46
CA ALA A 43 18.25 -1.92 6.45
C ALA A 43 18.73 -0.97 7.53
N VAL A 44 18.97 -1.50 8.75
CA VAL A 44 19.46 -0.66 9.82
C VAL A 44 20.86 -0.13 9.50
N GLU A 45 21.72 -1.00 8.96
CA GLU A 45 23.05 -0.56 8.54
C GLU A 45 22.97 0.47 7.42
N MET A 46 21.99 0.31 6.52
CA MET A 46 21.84 1.26 5.42
C MET A 46 21.41 2.63 5.92
N SER A 47 20.54 2.67 6.94
CA SER A 47 20.08 3.94 7.48
C SER A 47 21.21 4.71 8.17
N ARG A 48 22.27 4.03 8.60
CA ARG A 48 23.40 4.69 9.24
C ARG A 48 24.43 5.19 8.23
N LYS A 49 24.75 4.37 7.23
CA LYS A 49 25.79 4.72 6.26
C LYS A 49 25.24 5.48 5.06
N SER A 50 24.04 5.15 4.61
CA SER A 50 23.39 5.82 3.47
C SER A 50 22.01 6.29 3.89
N PRO A 51 21.93 7.36 4.68
CA PRO A 51 20.62 7.79 5.18
C PRO A 51 19.68 8.29 4.09
N PHE A 52 20.21 8.93 3.03
CA PHE A 52 19.34 9.40 1.97
C PHE A 52 18.75 8.23 1.18
N ALA A 53 19.57 7.23 0.89
CA ALA A 53 19.04 6.04 0.20
C ALA A 53 18.03 5.31 1.06
N SER A 54 18.23 5.32 2.39
CA SER A 54 17.25 4.71 3.29
C SER A 54 15.93 5.47 3.26
N TRP A 55 15.98 6.80 3.26
CA TRP A 55 14.77 7.59 3.17
C TRP A 55 14.07 7.36 1.83
N LEU A 56 14.85 7.30 0.74
CA LEU A 56 14.26 7.02 -0.57
C LEU A 56 13.62 5.64 -0.61
N CYS A 57 14.22 4.66 0.08
N CYS A 57 14.21 4.67 0.10
CA CYS A 57 13.62 3.33 0.15
CA CYS A 57 13.61 3.34 0.14
C CYS A 57 12.29 3.37 0.89
C CYS A 57 12.31 3.33 0.92
N ALA A 58 12.20 4.17 1.97
CA ALA A 58 10.95 4.26 2.71
C ALA A 58 9.87 4.94 1.89
N MET A 59 10.24 5.91 1.06
CA MET A 59 9.26 6.54 0.18
C MET A 59 8.74 5.55 -0.86
N LEU A 60 9.58 4.61 -1.29
CA LEU A 60 9.11 3.58 -2.21
C LEU A 60 8.10 2.65 -1.53
N HIS A 61 8.32 2.34 -0.25
CA HIS A 61 7.36 1.52 0.48
C HIS A 61 6.08 2.27 0.77
N CYS A 62 6.17 3.58 1.02
CA CYS A 62 4.99 4.34 1.39
C CYS A 62 4.18 4.76 0.16
N PHE A 63 4.85 5.06 -0.95
CA PHE A 63 4.19 5.63 -2.11
C PHE A 63 4.39 4.81 -3.38
N GLY A 64 4.89 3.57 -3.27
CA GLY A 64 5.13 2.78 -4.46
C GLY A 64 3.88 2.50 -5.27
N SER A 65 2.72 2.42 -4.60
CA SER A 65 1.48 2.21 -5.33
C SER A 65 1.15 3.39 -6.22
N TYR A 66 1.34 4.61 -5.73
CA TYR A 66 1.12 5.79 -6.56
C TYR A 66 2.17 5.91 -7.66
N ILE A 67 3.41 5.51 -7.37
CA ILE A 67 4.46 5.59 -8.39
C ILE A 67 4.17 4.64 -9.54
N LEU A 68 3.73 3.41 -9.22
CA LEU A 68 3.44 2.45 -10.27
C LEU A 68 2.23 2.85 -11.10
N ALA A 69 1.17 3.36 -10.44
CA ALA A 69 -0.02 3.74 -11.18
C ALA A 69 0.26 4.90 -12.12
N ASP A 70 1.02 5.89 -11.67
CA ASP A 70 1.35 7.02 -12.53
C ASP A 70 2.25 6.59 -13.68
N LEU A 71 3.13 5.61 -13.46
CA LEU A 71 3.95 5.11 -14.55
C LEU A 71 3.11 4.39 -15.60
N LEU A 72 2.14 3.57 -15.16
CA LEU A 72 1.30 2.85 -16.12
C LEU A 72 0.43 3.80 -16.92
N LEU A 73 -0.07 4.86 -16.30
CA LEU A 73 -0.96 5.80 -16.96
C LEU A 73 -0.21 6.92 -17.67
N GLY A 74 1.11 6.84 -17.75
CA GLY A 74 1.88 7.86 -18.42
C GLY A 74 1.90 9.20 -17.72
N GLU A 75 1.72 9.21 -16.41
CA GLU A 75 1.81 10.44 -15.64
C GLU A 75 3.12 10.47 -14.88
N SER A 76 3.40 11.62 -14.27
CA SER A 76 4.62 11.81 -13.50
C SER A 76 4.72 10.78 -12.39
N PRO A 77 5.77 9.96 -12.35
CA PRO A 77 5.86 8.94 -11.29
C PRO A 77 6.01 9.52 -9.89
N ILE A 78 6.38 10.79 -9.77
CA ILE A 78 6.49 11.44 -8.46
C ILE A 78 5.43 12.51 -8.32
N HIS A 79 4.32 12.37 -9.06
CA HIS A 79 3.24 13.34 -8.99
C HIS A 79 2.68 13.43 -7.57
N TYR A 80 2.54 12.29 -6.90
CA TYR A 80 1.98 12.28 -5.55
C TYR A 80 2.88 12.98 -4.55
N PHE A 81 4.17 13.12 -4.84
CA PHE A 81 5.08 13.82 -3.93
C PHE A 81 4.83 15.32 -3.88
N SER A 82 3.88 15.84 -4.66
CA SER A 82 3.46 17.22 -4.50
C SER A 82 2.61 17.41 -3.25
N ASN A 83 2.11 16.32 -2.67
CA ASN A 83 1.36 16.37 -1.41
C ASN A 83 2.38 16.42 -0.27
N ASN A 84 2.76 17.65 0.10
CA ASN A 84 3.85 17.84 1.05
C ASN A 84 3.53 17.23 2.41
N SER A 85 2.28 17.34 2.85
CA SER A 85 1.92 16.83 4.17
C SER A 85 2.10 15.32 4.25
N SER A 86 1.80 14.61 3.17
CA SER A 86 1.95 13.15 3.17
C SER A 86 3.42 12.76 3.13
N VAL A 87 4.23 13.47 2.37
CA VAL A 87 5.66 13.16 2.29
C VAL A 87 6.34 13.44 3.62
N ILE A 88 5.97 14.56 4.26
CA ILE A 88 6.56 14.91 5.56
C ILE A 88 6.12 13.90 6.62
N LEU A 89 4.86 13.47 6.57
CA LEU A 89 4.37 12.48 7.53
C LEU A 89 5.09 11.15 7.36
N ALA A 90 5.29 10.73 6.10
CA ALA A 90 6.04 9.49 5.86
C ALA A 90 7.50 9.63 6.26
N THR A 91 8.08 10.82 6.06
CA THR A 91 9.46 11.06 6.49
C THR A 91 9.58 10.99 8.01
N ALA A 92 8.59 11.52 8.72
CA ALA A 92 8.61 11.45 10.18
C ALA A 92 8.50 10.01 10.67
N VAL A 93 7.67 9.20 10.01
CA VAL A 93 7.55 7.79 10.37
C VAL A 93 8.87 7.07 10.13
N TRP A 94 9.52 7.35 9.00
CA TRP A 94 10.82 6.73 8.71
C TRP A 94 11.86 7.15 9.75
N TYR A 95 11.86 8.41 10.15
CA TYR A 95 12.84 8.88 11.12
C TYR A 95 12.57 8.29 12.50
N LEU A 96 11.31 8.22 12.90
CA LEU A 96 10.97 7.69 14.23
C LEU A 96 11.21 6.18 14.31
N ILE A 97 11.09 5.47 13.21
CA ILE A 97 11.31 4.02 13.25
C ILE A 97 12.80 3.69 13.28
N PHE A 98 13.63 4.48 12.61
CA PHE A 98 15.05 4.19 12.51
C PHE A 98 15.93 4.97 13.48
N PHE A 99 15.48 6.13 13.98
CA PHE A 99 16.36 7.01 14.72
C PHE A 99 15.76 7.54 16.02
N CYS A 100 14.67 6.97 16.51
CA CYS A 100 14.11 7.41 17.78
C CYS A 100 15.01 6.99 18.93
N PRO A 101 15.29 7.89 19.88
CA PRO A 101 16.09 7.48 21.05
C PRO A 101 15.43 6.34 21.79
N MET A 102 16.26 5.41 22.27
CA MET A 102 15.84 4.17 22.93
C MET A 102 15.05 3.26 22.00
N ASN A 103 14.97 3.60 20.71
CA ASN A 103 14.13 2.88 19.75
C ASN A 103 12.69 2.79 20.24
N LEU A 104 12.23 3.87 20.88
CA LEU A 104 10.95 3.84 21.59
C LEU A 104 9.78 3.74 20.62
N PHE A 105 9.85 4.45 19.49
CA PHE A 105 8.74 4.41 18.54
C PHE A 105 8.56 3.02 17.96
N TYR A 106 9.66 2.35 17.64
CA TYR A 106 9.57 0.97 17.16
C TYR A 106 8.95 0.06 18.22
N LYS A 107 9.32 0.25 19.49
CA LYS A 107 8.78 -0.59 20.55
C LYS A 107 7.27 -0.39 20.71
N CYS A 108 6.78 0.82 20.49
CA CYS A 108 5.36 1.08 20.66
C CYS A 108 4.54 0.53 19.51
N VAL A 109 5.00 0.72 18.27
CA VAL A 109 4.23 0.25 17.12
C VAL A 109 4.39 -1.24 16.88
N SER A 110 5.46 -1.86 17.40
CA SER A 110 5.63 -3.30 17.27
C SER A 110 4.86 -4.07 18.32
N PHE A 111 4.32 -3.40 19.33
CA PHE A 111 3.46 -4.06 20.31
C PHE A 111 2.26 -4.66 19.59
N LEU A 112 2.10 -5.98 19.75
CA LEU A 112 1.15 -6.73 18.91
C LEU A 112 -0.26 -6.17 18.90
N PRO A 113 -0.87 -5.80 20.03
CA PRO A 113 -2.20 -5.16 19.96
C PRO A 113 -2.19 -3.87 19.17
N VAL A 114 -1.11 -3.09 19.24
CA VAL A 114 -1.03 -1.85 18.46
C VAL A 114 -0.71 -2.17 17.00
N LYS A 115 0.12 -3.17 16.76
CA LYS A 115 0.50 -3.52 15.39
C LYS A 115 -0.69 -4.05 14.61
N LEU A 116 -1.54 -4.87 15.24
CA LEU A 116 -2.70 -5.42 14.54
C LEU A 116 -3.68 -4.32 14.14
N ILE A 117 -3.78 -3.25 14.93
CA ILE A 117 -4.66 -2.15 14.58
C ILE A 117 -4.11 -1.41 13.37
N PHE A 118 -2.80 -1.16 13.34
CA PHE A 118 -2.19 -0.50 12.19
C PHE A 118 -2.27 -1.37 10.94
N VAL A 119 -2.20 -2.69 11.11
CA VAL A 119 -2.34 -3.59 9.97
C VAL A 119 -3.76 -3.51 9.40
N ALA A 120 -4.76 -3.47 10.28
CA ALA A 120 -6.14 -3.37 9.81
C ALA A 120 -6.40 -2.02 9.14
N MET A 121 -5.84 -0.94 9.69
CA MET A 121 -6.03 0.38 9.09
C MET A 121 -5.32 0.49 7.75
N LYS A 122 -4.22 -0.25 7.55
CA LYS A 122 -3.55 -0.23 6.26
C LYS A 122 -4.41 -0.86 5.17
N GLU A 123 -5.14 -1.93 5.51
CA GLU A 123 -6.02 -2.56 4.53
C GLU A 123 -7.15 -1.64 4.11
N VAL A 124 -7.58 -0.75 5.00
CA VAL A 124 -8.58 0.25 4.61
C VAL A 124 -8.01 1.16 3.52
N VAL A 125 -6.73 1.53 3.63
CA VAL A 125 -6.12 2.38 2.63
C VAL A 125 -5.89 1.61 1.33
N ARG A 126 -5.53 0.33 1.45
CA ARG A 126 -5.21 -0.46 0.26
C ARG A 126 -6.44 -0.68 -0.61
N VAL A 127 -7.56 -1.07 0.00
CA VAL A 127 -8.78 -1.32 -0.76
C VAL A 127 -9.28 -0.04 -1.41
N ARG A 128 -9.23 1.08 -0.67
CA ARG A 128 -9.59 2.36 -1.25
C ARG A 128 -8.64 2.74 -2.39
N ALA A 129 -7.37 2.37 -2.29
CA ALA A 129 -6.42 2.67 -3.35
C ALA A 129 -6.70 1.84 -4.60
N ILE A 130 -7.12 0.59 -4.43
CA ILE A 130 -7.45 -0.26 -5.57
C ILE A 130 -8.65 0.31 -6.32
N ALA A 131 -9.70 0.67 -5.59
CA ALA A 131 -10.89 1.23 -6.22
C ALA A 131 -10.58 2.57 -6.89
N ALA A 132 -9.72 3.37 -6.26
CA ALA A 132 -9.34 4.65 -6.85
C ALA A 132 -8.56 4.46 -8.15
N GLY A 133 -7.73 3.42 -8.21
CA GLY A 133 -6.98 3.15 -9.44
C GLY A 133 -7.90 2.72 -10.58
N VAL A 134 -8.92 1.92 -10.27
CA VAL A 134 -9.88 1.51 -11.29
C VAL A 134 -10.68 2.72 -11.77
N HIS A 135 -11.13 3.57 -10.84
CA HIS A 135 -11.93 4.73 -11.22
C HIS A 135 -11.10 5.74 -12.00
N HIS A 136 -9.85 5.95 -11.60
CA HIS A 136 -8.99 6.89 -12.31
C HIS A 136 -8.72 6.43 -13.74
N ALA A 137 -8.41 5.14 -13.92
CA ALA A 137 -8.17 4.62 -15.26
C ALA A 137 -9.44 4.66 -16.10
N HIS A 138 -10.60 4.39 -15.49
CA HIS A 138 -11.86 4.45 -16.22
C HIS A 138 -12.15 5.85 -16.74
N HIS A 139 -11.76 6.88 -15.97
CA HIS A 139 -11.99 8.25 -16.41
C HIS A 139 -11.23 8.55 -17.70
N GLN A 140 -10.06 7.95 -17.89
CA GLN A 140 -9.28 8.15 -19.10
C GLN A 140 -9.62 7.16 -20.19
N TYR A 141 -10.11 5.97 -19.83
CA TYR A 141 -10.50 4.95 -20.80
C TYR A 141 -11.81 4.34 -20.32
N HIS A 142 -12.93 4.80 -20.91
CA HIS A 142 -14.24 4.35 -20.46
C HIS A 142 -14.44 2.85 -20.61
N HIS A 143 -13.76 2.24 -21.59
CA HIS A 143 -13.90 0.80 -21.85
C HIS A 143 -12.55 0.08 -21.80
N GLY A 144 -11.55 0.67 -21.16
CA GLY A 144 -10.25 0.03 -21.05
C GLY A 144 -10.17 -0.90 -19.86
N TRP A 145 -10.79 -2.08 -19.99
CA TRP A 145 -10.89 -3.00 -18.85
C TRP A 145 -9.51 -3.46 -18.39
N PHE A 146 -8.60 -3.73 -19.33
CA PHE A 146 -7.26 -4.17 -18.96
C PHE A 146 -6.44 -3.05 -18.33
N ILE A 147 -6.71 -1.80 -18.71
CA ILE A 147 -6.02 -0.68 -18.08
C ILE A 147 -6.56 -0.44 -16.67
N MET A 148 -7.87 -0.61 -16.49
CA MET A 148 -8.44 -0.49 -15.14
C MET A 148 -7.88 -1.56 -14.22
N MET A 149 -7.83 -2.81 -14.69
CA MET A 149 -7.35 -3.89 -13.85
C MET A 149 -5.87 -3.73 -13.51
N ALA A 150 -5.07 -3.28 -14.48
CA ALA A 150 -3.65 -3.08 -14.23
C ALA A 150 -3.40 -1.94 -13.25
N THR A 151 -4.14 -0.84 -13.40
CA THR A 151 -3.95 0.31 -12.52
C THR A 151 -4.39 0.00 -11.09
N GLY A 152 -5.54 -0.64 -10.93
CA GLY A 152 -5.98 -1.03 -9.60
C GLY A 152 -5.09 -2.07 -8.95
N TRP A 153 -4.45 -2.92 -9.77
CA TRP A 153 -3.57 -3.95 -9.22
C TRP A 153 -2.33 -3.34 -8.58
N VAL A 154 -1.67 -2.42 -9.29
CA VAL A 154 -0.46 -1.81 -8.77
C VAL A 154 -0.76 -0.85 -7.63
N LYS A 155 -1.98 -0.29 -7.58
CA LYS A 155 -2.36 0.56 -6.46
C LYS A 155 -2.53 -0.24 -5.17
N GLY A 156 -2.76 -1.54 -5.27
CA GLY A 156 -2.92 -2.37 -4.09
C GLY A 156 -1.67 -3.13 -3.73
N SER A 157 -0.92 -3.59 -4.74
CA SER A 157 0.32 -4.29 -4.47
C SER A 157 1.39 -3.35 -3.96
N GLY A 158 1.55 -2.19 -4.60
CA GLY A 158 2.47 -1.20 -4.10
C GLY A 158 3.90 -1.54 -4.44
N VAL A 159 4.78 -1.44 -3.43
CA VAL A 159 6.21 -1.64 -3.63
C VAL A 159 6.56 -3.09 -3.95
N ALA A 160 5.62 -4.03 -3.71
CA ALA A 160 5.92 -5.44 -3.95
C ALA A 160 6.24 -5.71 -5.42
N LEU A 161 5.51 -5.06 -6.32
CA LEU A 161 5.74 -5.28 -7.76
C LEU A 161 7.05 -4.67 -8.23
N MET A 162 7.66 -3.78 -7.46
N MET A 162 7.66 -3.78 -7.44
CA MET A 162 8.96 -3.22 -7.78
CA MET A 162 8.96 -3.20 -7.75
C MET A 162 10.03 -3.68 -6.78
C MET A 162 10.04 -3.69 -6.79
N SER A 163 9.86 -4.88 -6.24
CA SER A 163 10.80 -5.39 -5.24
C SER A 163 12.19 -5.62 -5.82
N ASN A 164 12.27 -6.08 -7.07
CA ASN A 164 13.57 -6.33 -7.69
C ASN A 164 14.40 -5.06 -7.78
N PHE A 165 13.75 -3.91 -7.97
CA PHE A 165 14.45 -2.64 -8.05
C PHE A 165 14.51 -1.89 -6.74
N GLU A 166 13.63 -2.21 -5.78
CA GLU A 166 13.82 -1.74 -4.42
C GLU A 166 15.06 -2.41 -3.81
N GLN A 167 15.30 -3.67 -4.15
CA GLN A 167 16.53 -4.34 -3.72
C GLN A 167 17.74 -3.74 -4.43
N LEU A 168 17.59 -3.37 -5.70
CA LEU A 168 18.71 -2.79 -6.45
C LEU A 168 19.16 -1.48 -5.81
N LEU A 169 18.21 -0.67 -5.34
CA LEU A 169 18.56 0.56 -4.64
C LEU A 169 19.35 0.27 -3.37
N ARG A 170 19.06 -0.85 -2.71
CA ARG A 170 19.78 -1.26 -1.52
C ARG A 170 21.08 -1.98 -1.82
N GLY A 171 21.38 -2.23 -3.10
CA GLY A 171 22.56 -2.99 -3.46
C GLY A 171 22.38 -4.49 -3.50
N VAL A 172 21.14 -4.96 -3.62
CA VAL A 172 20.84 -6.39 -3.66
C VAL A 172 20.23 -6.72 -5.01
N TRP A 173 20.62 -7.85 -5.58
CA TRP A 173 20.10 -8.29 -6.87
C TRP A 173 19.78 -9.78 -6.79
N ARG A 174 18.49 -10.12 -6.71
CA ARG A 174 18.01 -11.49 -6.72
C ARG A 174 17.02 -11.64 -7.86
N PRO A 175 17.51 -11.85 -9.09
CA PRO A 175 16.63 -11.91 -10.25
C PRO A 175 15.92 -13.25 -10.43
N GLU A 176 16.24 -14.26 -9.62
CA GLU A 176 15.65 -15.57 -9.79
C GLU A 176 14.17 -15.62 -9.42
N THR A 177 13.62 -14.55 -8.84
CA THR A 177 12.21 -14.53 -8.48
C THR A 177 11.72 -13.09 -8.49
N ASN A 178 10.41 -12.94 -8.71
CA ASN A 178 9.75 -11.64 -8.64
C ASN A 178 8.31 -11.86 -8.21
N GLU A 179 7.66 -10.76 -7.82
CA GLU A 179 6.30 -10.83 -7.29
C GLU A 179 5.27 -11.22 -8.36
N ILE A 180 5.61 -11.12 -9.64
CA ILE A 180 4.71 -11.59 -10.68
C ILE A 180 4.91 -13.07 -10.94
N LEU A 181 6.16 -13.53 -10.93
CA LEU A 181 6.44 -14.95 -11.13
C LEU A 181 5.91 -15.78 -9.97
N HIS A 182 6.01 -15.25 -8.74
CA HIS A 182 5.50 -15.92 -7.55
C HIS A 182 4.83 -14.85 -6.68
N MET A 183 3.50 -14.78 -6.76
CA MET A 183 2.75 -13.75 -6.06
C MET A 183 2.61 -14.07 -4.58
N SER A 184 2.78 -13.06 -3.75
CA SER A 184 2.44 -13.17 -2.34
C SER A 184 0.95 -12.98 -2.15
N PHE A 185 0.48 -13.05 -0.90
CA PHE A 185 -0.95 -12.91 -0.65
C PHE A 185 -1.46 -11.50 -0.98
N PRO A 186 -0.82 -10.41 -0.52
CA PRO A 186 -1.36 -9.08 -0.88
C PRO A 186 -1.37 -8.82 -2.36
N THR A 187 -0.36 -9.30 -3.10
CA THR A 187 -0.36 -9.12 -4.54
C THR A 187 -1.47 -9.93 -5.21
N LYS A 188 -1.66 -11.17 -4.77
CA LYS A 188 -2.71 -12.00 -5.35
C LYS A 188 -4.09 -11.49 -4.96
N ALA A 189 -4.23 -10.97 -3.73
CA ALA A 189 -5.51 -10.44 -3.30
C ALA A 189 -5.84 -9.13 -4.01
N SER A 190 -4.83 -8.31 -4.27
CA SER A 190 -5.07 -7.08 -5.03
C SER A 190 -5.48 -7.38 -6.46
N LEU A 191 -5.04 -8.51 -7.01
CA LEU A 191 -5.48 -8.90 -8.35
C LEU A 191 -6.94 -9.29 -8.35
N TYR A 192 -7.38 -10.04 -7.34
CA TYR A 192 -8.81 -10.33 -7.20
C TYR A 192 -9.60 -9.06 -6.92
N GLY A 193 -9.03 -8.15 -6.14
CA GLY A 193 -9.75 -6.92 -5.81
C GLY A 193 -9.96 -6.03 -7.02
N THR A 194 -8.91 -5.84 -7.83
CA THR A 194 -9.04 -4.98 -9.01
C THR A 194 -9.96 -5.58 -10.06
N VAL A 195 -10.13 -6.91 -10.07
CA VAL A 195 -11.09 -7.52 -10.97
C VAL A 195 -12.51 -7.26 -10.47
N LEU A 196 -12.72 -7.38 -9.15
CA LEU A 196 -14.04 -7.12 -8.58
C LEU A 196 -14.45 -5.67 -8.77
N PHE A 197 -13.53 -4.73 -8.52
CA PHE A 197 -13.86 -3.32 -8.68
C PHE A 197 -14.00 -2.94 -10.14
N THR A 198 -13.30 -3.63 -11.04
CA THR A 198 -13.52 -3.40 -12.48
C THR A 198 -14.88 -3.91 -12.90
N LEU A 199 -15.26 -5.12 -12.46
CA LEU A 199 -16.58 -5.65 -12.77
C LEU A 199 -17.68 -4.75 -12.21
N GLN A 200 -17.44 -4.16 -11.03
CA GLN A 200 -18.39 -3.19 -10.49
C GLN A 200 -18.44 -1.92 -11.35
N GLN A 201 -17.31 -1.54 -11.95
CA GLN A 201 -17.30 -0.40 -12.85
C GLN A 201 -18.05 -0.72 -14.15
N THR A 202 -17.92 -1.95 -14.65
CA THR A 202 -18.62 -2.36 -15.86
C THR A 202 -20.12 -2.42 -15.68
N HIS A 203 -20.62 -2.35 -14.44
CA HIS A 203 -22.02 -2.56 -14.09
C HIS A 203 -22.46 -4.01 -14.34
N TRP A 204 -21.50 -4.92 -14.50
CA TRP A 204 -21.82 -6.34 -14.61
C TRP A 204 -21.87 -7.04 -13.26
N LEU A 205 -21.23 -6.46 -12.23
CA LEU A 205 -21.30 -6.97 -10.88
C LEU A 205 -22.37 -6.20 -10.12
N PRO A 206 -23.57 -6.75 -9.92
CA PRO A 206 -24.65 -5.98 -9.31
C PRO A 206 -24.45 -5.74 -7.82
N VAL A 207 -23.60 -4.77 -7.49
CA VAL A 207 -23.37 -4.39 -6.10
C VAL A 207 -22.89 -2.94 -6.09
N SER A 208 -23.28 -2.21 -5.05
CA SER A 208 -22.84 -0.83 -4.91
C SER A 208 -21.34 -0.78 -4.61
N GLU A 209 -20.72 0.33 -5.00
CA GLU A 209 -19.28 0.47 -4.79
C GLU A 209 -18.93 0.54 -3.31
N ALA A 210 -19.83 1.10 -2.48
CA ALA A 210 -19.57 1.19 -1.05
C ALA A 210 -19.66 -0.18 -0.39
N ASN A 211 -20.60 -1.02 -0.84
CA ASN A 211 -20.71 -2.36 -0.26
C ASN A 211 -19.50 -3.22 -0.63
N LEU A 212 -19.00 -3.08 -1.86
CA LEU A 212 -17.81 -3.83 -2.25
C LEU A 212 -16.58 -3.38 -1.48
N VAL A 213 -16.46 -2.07 -1.23
CA VAL A 213 -15.36 -1.57 -0.41
C VAL A 213 -15.46 -2.12 1.00
N PHE A 214 -16.67 -2.13 1.57
CA PHE A 214 -16.84 -2.60 2.94
C PHE A 214 -16.54 -4.09 3.06
N PHE A 215 -17.12 -4.91 2.19
CA PHE A 215 -16.97 -6.36 2.32
C PHE A 215 -15.54 -6.80 1.98
N PHE A 216 -14.92 -6.17 0.98
CA PHE A 216 -13.57 -6.58 0.61
C PHE A 216 -12.52 -6.08 1.60
N THR A 217 -12.76 -4.92 2.22
CA THR A 217 -11.84 -4.45 3.25
C THR A 217 -11.87 -5.38 4.47
N MET A 218 -13.07 -5.78 4.90
CA MET A 218 -13.17 -6.72 6.01
C MET A 218 -12.51 -8.05 5.67
N PHE A 219 -12.58 -8.48 4.42
CA PHE A 219 -11.86 -9.68 4.01
C PHE A 219 -10.36 -9.49 4.12
N MET A 220 -9.85 -8.32 3.72
CA MET A 220 -8.43 -8.05 3.85
C MET A 220 -8.02 -7.84 5.30
N ILE A 221 -8.91 -7.22 6.09
CA ILE A 221 -8.60 -7.01 7.50
C ILE A 221 -8.50 -8.34 8.24
N VAL A 222 -9.47 -9.23 8.02
CA VAL A 222 -9.47 -10.52 8.71
C VAL A 222 -8.25 -11.35 8.30
N CYS A 223 -7.92 -11.33 7.00
CA CYS A 223 -6.79 -12.13 6.52
C CYS A 223 -5.47 -11.60 7.04
N LYS A 224 -5.26 -10.29 6.95
CA LYS A 224 -3.97 -9.71 7.33
C LYS A 224 -3.76 -9.75 8.84
N VAL A 225 -4.81 -9.48 9.61
CA VAL A 225 -4.69 -9.54 11.06
C VAL A 225 -4.42 -10.97 11.52
N PHE A 226 -5.07 -11.95 10.89
CA PHE A 226 -4.81 -13.34 11.22
C PHE A 226 -3.40 -13.75 10.82
N MET A 227 -2.93 -13.28 9.66
CA MET A 227 -1.57 -13.60 9.22
C MET A 227 -0.52 -12.91 10.09
N THR A 228 -0.81 -11.69 10.56
CA THR A 228 0.15 -10.97 11.39
C THR A 228 0.21 -11.54 12.80
N ALA A 229 -0.95 -11.88 13.37
CA ALA A 229 -0.96 -12.41 14.73
C ALA A 229 -0.40 -13.83 14.80
N THR A 230 -0.53 -14.60 13.71
CA THR A 230 0.02 -15.96 13.70
C THR A 230 1.54 -15.94 13.74
N HIS A 231 2.16 -15.04 12.98
CA HIS A 231 3.62 -14.96 12.92
C HIS A 231 4.14 -13.72 13.63
CA CA B . 3.34 11.45 -19.98
CL CL C . -14.76 6.74 -25.27
CL CL D . -4.89 6.14 -9.07
CL CL E . 16.23 -8.62 0.32
CL CL F . 23.45 9.96 2.32
CL CL G . -5.74 6.53 -4.01
#